data_5AKN
#
_entry.id   5AKN
#
_cell.length_a   107.100
_cell.length_b   70.340
_cell.length_c   107.170
_cell.angle_alpha   90.00
_cell.angle_beta   119.81
_cell.angle_gamma   90.00
#
_symmetry.space_group_name_H-M   'P 1 21 1'
#
loop_
_entity.id
_entity.type
_entity.pdbx_description
1 polymer 'HOMING ENDONUCLEASE I-DMOI'
2 polymer "5'-D(*GP*CP*CP*TP*TP*GP*CP*CP*GP*GP*GP*TP*AP*AP)-3'"
3 polymer "5'-D(*GP*TP*TP*CP*CP*GP*GP*CP*GP*CP*GP)-3"
4 polymer "D(*CP*GP*CP*GP*CP*CP*GP*GP*AP*AP*CP*TP*TP*AP*CP)-3'"
5 polymer "5'-D(*CP*CP*GP*GP*CP*AP*AP*GP*GP*CP)-3'"
6 polymer "5'-D(*GP*TP*TP*CP*CP*GP*GP*CP*GP*CP*GP*CP*GP*CP *GP*CP*CP*GP*GP*AP*AP*CP*TP*TP*AP*CP)-3'"
7 polymer "5'-D(*GP*CP*CP*TP*TP*GP*CP*CP*GP*GP*GP*TP*AP*AP *CP*GP*CP*GP*CP*CP*GP*GP*AP*AP*CP*TP*TP*AP*C)-3'"
8 non-polymer 'MANGANESE (II) ION'
9 water water
#
loop_
_entity_poly.entity_id
_entity_poly.type
_entity_poly.pdbx_seq_one_letter_code
_entity_poly.pdbx_strand_id
1 'polypeptide(L)'
;AHNNENVSGISAYLLGLIIGDGGLYKLKYKGNRSEYRVVITAKSENLIKQHIAPLMQFLIDELNVKSKIQIVKGDTRYEL
RVSSKKLYYYFANMLERIRLFNMREQIAFIKGLYVAEGDMTLKRLRIWNKNKALLEIVSRWLNNLGVRNTIHLDDHRHGV
YVLNISLRDRIKFVHTILSSHLNPLPPEAAALEHHHHHH
;
A,F,K
2 'polydeoxyribonucleotide' (DG)(DC)(DC)(DT)(DT)(DG)(DC)(DC)(DG)(DG)(DG)(DT)(DA)(DA) B,G
3 'polydeoxyribonucleotide' (DG)(DT)(DT)(DC)(DC)(DG)(DG)(DC)(DG)(DC)(DG) C
4 'polydeoxyribonucleotide' (DC)(DG)(DC)(DG)(DC)(DC)(DG)(DG)(DA)(DA)(DC)(DT)(DT)(DA)(DC) D
5 'polydeoxyribonucleotide' (DC)(DC)(DG)(DG)(DC)(DA)(DA)(DG)(DG)(DC) E,J,O
6 'polydeoxyribonucleotide'
;(DG)(DT)(DT)(DC)(DC)(DG)(DG)(DC)(DG)(DC)(DG)(DC)(DG)(DC)(DG)(DC)(DC)(DG)(DG)(DA)
(DA)(DC)(DT)(DT)(DA)(DC)
;
H,M
7 'polydeoxyribonucleotide'
;(DG)(DC)(DC)(DT)(DT)(DG)(DC)(DC)(DG)(DG)(DG)(DT)(DA)(DA)(DC)(DG)(DC)(DG)(DC)(DC)
(DG)(DG)(DA)(DA)(DC)(DT)(DT)(DA)(DC)
;
L
#
# COMPACT_ATOMS: atom_id res chain seq x y z
N ASN A 6 8.44 -17.06 -1.31
CA ASN A 6 7.86 -15.79 -1.77
C ASN A 6 8.86 -14.64 -1.71
N VAL A 7 9.84 -14.75 -0.82
CA VAL A 7 10.99 -13.87 -0.86
C VAL A 7 12.06 -14.54 -1.75
N SER A 8 12.06 -15.86 -1.76
CA SER A 8 12.95 -16.59 -2.65
C SER A 8 12.66 -16.25 -4.12
N GLY A 9 11.38 -16.24 -4.50
CA GLY A 9 10.96 -15.96 -5.86
C GLY A 9 11.45 -14.61 -6.37
N ILE A 10 11.04 -13.57 -5.67
CA ILE A 10 11.50 -12.21 -5.97
C ILE A 10 13.02 -12.12 -6.04
N SER A 11 13.71 -12.84 -5.18
CA SER A 11 15.17 -12.88 -5.25
C SER A 11 15.61 -13.49 -6.59
N ALA A 12 14.98 -14.60 -6.95
CA ALA A 12 15.28 -15.30 -8.19
C ALA A 12 15.14 -14.38 -9.40
N TYR A 13 14.02 -13.65 -9.41
CA TYR A 13 13.79 -12.65 -10.44
C TYR A 13 14.91 -11.60 -10.49
N LEU A 14 15.13 -10.89 -9.39
CA LEU A 14 16.21 -9.87 -9.31
C LEU A 14 17.57 -10.43 -9.72
N LEU A 15 17.85 -11.67 -9.34
CA LEU A 15 19.14 -12.24 -9.68
C LEU A 15 19.30 -12.31 -11.22
N GLY A 16 18.22 -12.68 -11.90
CA GLY A 16 18.18 -12.65 -13.36
C GLY A 16 18.52 -11.28 -13.93
N LEU A 17 17.80 -10.26 -13.49
CA LEU A 17 18.16 -8.90 -13.85
C LEU A 17 19.64 -8.63 -13.53
N ILE A 18 20.08 -8.98 -12.32
CA ILE A 18 21.44 -8.63 -11.92
C ILE A 18 22.45 -9.27 -12.87
N ILE A 19 22.38 -10.58 -13.03
CA ILE A 19 23.22 -11.27 -14.02
C ILE A 19 23.05 -10.72 -15.45
N GLY A 20 21.82 -10.51 -15.88
CA GLY A 20 21.56 -9.99 -17.21
C GLY A 20 22.08 -8.58 -17.51
N ASP A 21 21.66 -7.60 -16.72
CA ASP A 21 21.99 -6.20 -17.00
C ASP A 21 22.81 -5.52 -15.90
N GLY A 22 23.30 -6.28 -14.93
CA GLY A 22 24.02 -5.68 -13.83
C GLY A 22 25.32 -6.35 -13.46
N GLY A 23 25.63 -6.35 -12.16
CA GLY A 23 26.79 -7.04 -11.68
C GLY A 23 26.82 -7.23 -10.18
N LEU A 24 27.76 -8.05 -9.73
CA LEU A 24 28.07 -8.22 -8.33
C LEU A 24 29.52 -7.83 -8.18
N TYR A 25 29.79 -6.74 -7.46
CA TYR A 25 31.14 -6.19 -7.41
C TYR A 25 31.71 -6.11 -6.01
N LYS A 26 32.83 -6.81 -5.81
CA LYS A 26 33.61 -6.68 -4.59
C LYS A 26 34.82 -5.79 -4.90
N LEU A 27 34.73 -4.52 -4.50
CA LEU A 27 35.81 -3.57 -4.75
C LEU A 27 36.77 -3.49 -3.57
N LYS A 28 38.05 -3.26 -3.86
CA LYS A 28 39.03 -2.94 -2.81
C LYS A 28 39.62 -1.55 -3.08
N TYR A 29 39.57 -0.67 -2.09
CA TYR A 29 40.15 0.65 -2.26
C TYR A 29 41.44 0.81 -1.46
N LYS A 30 42.05 1.99 -1.55
CA LYS A 30 43.20 2.33 -0.72
C LYS A 30 42.73 3.23 0.41
N GLY A 31 42.68 2.71 1.63
CA GLY A 31 43.05 1.35 1.97
C GLY A 31 42.99 1.35 3.49
N ASN A 32 42.69 0.20 4.10
CA ASN A 32 42.17 -0.95 3.40
C ASN A 32 40.66 -0.81 3.25
N ARG A 33 40.24 0.25 2.57
CA ARG A 33 38.82 0.45 2.34
C ARG A 33 38.28 -0.52 1.28
N SER A 34 36.98 -0.73 1.32
CA SER A 34 36.34 -1.70 0.46
C SER A 34 34.87 -1.33 0.24
N GLU A 35 34.25 -1.96 -0.75
CA GLU A 35 32.81 -1.80 -1.00
C GLU A 35 32.27 -3.06 -1.69
N TYR A 36 30.98 -3.32 -1.50
CA TYR A 36 30.32 -4.48 -2.10
C TYR A 36 29.03 -4.00 -2.72
N ARG A 37 28.90 -4.21 -4.02
CA ARG A 37 27.74 -3.68 -4.75
C ARG A 37 26.89 -4.74 -5.43
N VAL A 38 25.58 -4.66 -5.19
CA VAL A 38 24.58 -5.36 -5.98
C VAL A 38 23.99 -4.34 -6.96
N VAL A 39 24.22 -4.55 -8.26
CA VAL A 39 23.87 -3.58 -9.29
C VAL A 39 22.99 -4.11 -10.44
N ILE A 40 21.88 -3.41 -10.68
CA ILE A 40 21.09 -3.58 -11.90
C ILE A 40 21.05 -2.26 -12.67
N THR A 41 21.60 -2.22 -13.87
CA THR A 41 21.49 -1.02 -14.72
C THR A 41 20.40 -1.17 -15.79
N ALA A 42 19.69 -0.09 -16.08
CA ALA A 42 18.60 -0.13 -17.06
C ALA A 42 18.32 1.23 -17.69
N LYS A 43 17.85 1.22 -18.94
CA LYS A 43 17.62 2.47 -19.68
C LYS A 43 16.44 3.31 -19.16
N SER A 44 15.32 2.67 -18.85
CA SER A 44 14.13 3.41 -18.41
C SER A 44 14.17 3.82 -16.95
N GLU A 45 14.61 5.05 -16.69
CA GLU A 45 14.63 5.60 -15.34
C GLU A 45 13.27 5.45 -14.68
N ASN A 46 12.26 5.17 -15.49
CA ASN A 46 10.95 4.89 -14.96
C ASN A 46 10.90 3.50 -14.37
N LEU A 47 11.15 2.52 -15.24
CA LEU A 47 11.13 1.11 -14.87
C LEU A 47 11.89 0.84 -13.57
N ILE A 48 13.11 1.37 -13.49
N ILE A 48 13.11 1.36 -13.49
CA ILE A 48 13.93 1.23 -12.29
CA ILE A 48 13.91 1.22 -12.28
C ILE A 48 13.23 1.77 -11.06
C ILE A 48 13.15 1.76 -11.07
N LYS A 49 12.82 3.03 -11.12
CA LYS A 49 12.17 3.67 -9.99
C LYS A 49 10.86 3.00 -9.64
N GLN A 50 10.15 2.47 -10.62
CA GLN A 50 8.75 2.13 -10.41
C GLN A 50 8.43 0.64 -10.36
N HIS A 51 9.31 -0.20 -10.88
CA HIS A 51 9.09 -1.64 -10.79
C HIS A 51 10.25 -2.42 -10.15
N ILE A 52 11.48 -2.15 -10.58
CA ILE A 52 12.62 -2.89 -10.05
C ILE A 52 12.94 -2.52 -8.60
N ALA A 53 13.05 -1.23 -8.35
CA ALA A 53 13.44 -0.69 -7.04
C ALA A 53 12.55 -1.16 -5.88
N PRO A 54 11.22 -1.10 -6.05
CA PRO A 54 10.35 -1.54 -4.93
C PRO A 54 10.48 -3.03 -4.65
N LEU A 55 10.77 -3.83 -5.68
CA LEU A 55 11.06 -5.24 -5.47
C LEU A 55 12.30 -5.36 -4.60
N MET A 56 13.40 -4.77 -5.05
CA MET A 56 14.65 -4.79 -4.31
C MET A 56 14.44 -4.23 -2.89
N GLN A 57 13.80 -3.07 -2.80
CA GLN A 57 13.51 -2.46 -1.51
C GLN A 57 12.91 -3.48 -0.55
N PHE A 58 11.84 -4.13 -1.00
CA PHE A 58 11.16 -5.12 -0.17
C PHE A 58 12.14 -6.16 0.34
N LEU A 59 12.97 -6.68 -0.56
CA LEU A 59 14.01 -7.62 -0.20
C LEU A 59 14.94 -7.02 0.86
N ILE A 60 15.44 -5.82 0.62
CA ILE A 60 16.27 -5.13 1.60
CA ILE A 60 16.26 -5.13 1.61
C ILE A 60 15.61 -5.15 2.98
N ASP A 61 14.34 -4.76 3.06
CA ASP A 61 13.64 -4.67 4.33
C ASP A 61 13.53 -6.06 4.97
N GLU A 62 13.19 -7.04 4.16
CA GLU A 62 13.07 -8.40 4.65
C GLU A 62 14.40 -8.97 5.17
N LEU A 63 15.49 -8.74 4.44
CA LEU A 63 16.78 -9.24 4.88
C LEU A 63 17.35 -8.35 5.99
N ASN A 64 16.56 -7.39 6.42
CA ASN A 64 17.01 -6.36 7.36
C ASN A 64 18.36 -5.80 6.99
N VAL A 65 18.49 -5.44 5.72
CA VAL A 65 19.68 -4.78 5.23
C VAL A 65 19.49 -3.29 5.44
N LYS A 66 20.57 -2.58 5.78
CA LYS A 66 20.45 -1.18 6.17
C LYS A 66 20.75 -0.24 5.01
N SER A 67 21.62 -0.67 4.10
CA SER A 67 22.01 0.16 2.97
C SER A 67 20.80 0.72 2.25
N LYS A 68 20.98 1.85 1.59
CA LYS A 68 19.89 2.47 0.85
C LYS A 68 20.02 2.09 -0.61
N ILE A 69 18.96 2.30 -1.38
CA ILE A 69 19.02 2.04 -2.81
C ILE A 69 19.47 3.31 -3.53
N GLN A 70 20.66 3.26 -4.09
CA GLN A 70 21.22 4.35 -4.85
C GLN A 70 20.77 4.22 -6.28
N ILE A 71 20.38 5.35 -6.87
CA ILE A 71 20.03 5.39 -8.28
C ILE A 71 20.84 6.50 -8.95
N VAL A 72 21.85 6.10 -9.72
CA VAL A 72 22.80 7.03 -10.30
C VAL A 72 22.61 7.20 -11.80
N LYS A 73 22.39 8.44 -12.24
CA LYS A 73 22.21 8.70 -13.67
C LYS A 73 23.51 8.63 -14.45
N GLY A 74 23.50 7.85 -15.53
CA GLY A 74 24.66 7.78 -16.40
C GLY A 74 24.32 8.36 -17.75
N ASP A 75 25.33 8.47 -18.60
CA ASP A 75 25.13 8.97 -19.96
C ASP A 75 24.09 8.14 -20.70
N THR A 76 24.24 6.82 -20.61
CA THR A 76 23.51 5.89 -21.47
C THR A 76 22.44 5.10 -20.74
N ARG A 77 22.56 5.00 -19.43
CA ARG A 77 21.61 4.20 -18.67
C ARG A 77 21.56 4.62 -17.21
N TYR A 78 20.46 4.30 -16.55
CA TYR A 78 20.37 4.49 -15.11
C TYR A 78 20.90 3.25 -14.37
N GLU A 79 21.37 3.45 -13.14
CA GLU A 79 21.93 2.35 -12.35
C GLU A 79 21.30 2.29 -10.98
N LEU A 80 20.64 1.17 -10.70
CA LEU A 80 20.22 0.89 -9.34
C LEU A 80 21.45 0.26 -8.70
N ARG A 81 21.77 0.69 -7.49
CA ARG A 81 22.93 0.18 -6.79
C ARG A 81 22.64 0.09 -5.30
N VAL A 82 22.79 -1.10 -4.72
CA VAL A 82 22.79 -1.22 -3.28
C VAL A 82 24.20 -1.57 -2.84
N SER A 83 24.80 -0.72 -2.03
CA SER A 83 26.13 -0.94 -1.47
C SER A 83 25.94 -1.63 -0.12
N SER A 84 26.22 -2.94 -0.08
CA SER A 84 25.97 -3.75 1.09
C SER A 84 26.72 -5.08 1.02
N LYS A 85 27.61 -5.31 1.97
CA LYS A 85 28.32 -6.58 2.06
C LYS A 85 27.30 -7.71 2.19
N LYS A 86 26.34 -7.54 3.10
CA LYS A 86 25.34 -8.57 3.36
C LYS A 86 24.55 -8.99 2.12
N LEU A 87 24.22 -8.01 1.27
CA LEU A 87 23.39 -8.28 0.10
C LEU A 87 24.22 -8.90 -0.98
N TYR A 88 25.42 -8.34 -1.19
CA TYR A 88 26.36 -8.90 -2.16
C TYR A 88 26.49 -10.41 -1.99
N TYR A 89 26.90 -10.83 -0.80
CA TYR A 89 27.02 -12.27 -0.49
C TYR A 89 25.70 -13.04 -0.62
N TYR A 90 24.59 -12.43 -0.22
CA TYR A 90 23.27 -13.04 -0.43
C TYR A 90 23.04 -13.45 -1.90
N PHE A 91 23.37 -12.56 -2.84
CA PHE A 91 23.25 -12.90 -4.26
C PHE A 91 24.37 -13.81 -4.75
N ALA A 92 25.61 -13.40 -4.52
CA ALA A 92 26.72 -14.24 -4.95
C ALA A 92 26.52 -15.69 -4.49
N ASN A 93 26.07 -15.88 -3.26
CA ASN A 93 25.90 -17.23 -2.75
C ASN A 93 24.77 -17.94 -3.46
N MET A 94 23.69 -17.20 -3.69
CA MET A 94 22.54 -17.74 -4.38
C MET A 94 22.91 -18.19 -5.79
N LEU A 95 23.86 -17.47 -6.40
CA LEU A 95 24.31 -17.80 -7.73
C LEU A 95 24.96 -19.16 -7.77
N GLU A 96 25.76 -19.49 -6.76
CA GLU A 96 26.54 -20.73 -6.78
C GLU A 96 25.66 -21.95 -6.55
N ARG A 97 24.44 -21.67 -6.11
CA ARG A 97 23.55 -22.76 -5.73
CA ARG A 97 23.50 -22.66 -5.66
C ARG A 97 22.36 -22.74 -6.68
N ILE A 98 22.56 -22.12 -7.85
CA ILE A 98 21.49 -21.92 -8.82
C ILE A 98 20.90 -23.22 -9.36
N ARG A 99 21.74 -24.25 -9.47
CA ARG A 99 21.33 -25.52 -10.04
CA ARG A 99 21.34 -25.53 -10.03
C ARG A 99 20.26 -26.20 -9.19
N LEU A 100 20.12 -25.75 -7.96
CA LEU A 100 19.17 -26.36 -7.04
C LEU A 100 17.91 -25.51 -6.87
N PHE A 101 17.72 -24.54 -7.73
CA PHE A 101 16.51 -23.72 -7.68
C PHE A 101 15.27 -24.61 -7.79
N ASN A 102 14.28 -24.36 -6.95
CA ASN A 102 13.00 -25.03 -7.10
C ASN A 102 12.33 -24.49 -8.35
N MET A 103 11.14 -24.98 -8.65
CA MET A 103 10.43 -24.54 -9.84
C MET A 103 10.10 -23.06 -9.81
N ARG A 104 9.50 -22.59 -8.71
CA ARG A 104 9.16 -21.18 -8.58
C ARG A 104 10.35 -20.27 -8.90
N GLU A 105 11.53 -20.66 -8.43
CA GLU A 105 12.72 -19.85 -8.65
C GLU A 105 13.21 -19.96 -10.09
N GLN A 106 13.14 -21.16 -10.65
CA GLN A 106 13.49 -21.38 -12.05
C GLN A 106 12.72 -20.39 -12.92
N ILE A 107 11.41 -20.42 -12.81
CA ILE A 107 10.56 -19.49 -13.55
C ILE A 107 10.93 -18.02 -13.31
N ALA A 108 11.11 -17.63 -12.06
CA ALA A 108 11.42 -16.23 -11.75
C ALA A 108 12.77 -15.81 -12.34
N PHE A 109 13.76 -16.67 -12.15
CA PHE A 109 15.07 -16.35 -12.67
C PHE A 109 15.04 -16.18 -14.18
N ILE A 110 14.38 -17.11 -14.88
CA ILE A 110 14.31 -17.02 -16.33
C ILE A 110 13.59 -15.73 -16.74
N LYS A 111 12.49 -15.40 -16.07
CA LYS A 111 11.75 -14.19 -16.44
C LYS A 111 12.62 -12.95 -16.31
N GLY A 112 13.41 -12.92 -15.24
CA GLY A 112 14.30 -11.79 -15.00
C GLY A 112 15.38 -11.72 -16.04
N LEU A 113 15.94 -12.87 -16.36
CA LEU A 113 16.97 -12.95 -17.40
C LEU A 113 16.42 -12.52 -18.76
N TYR A 114 15.19 -12.95 -19.08
CA TYR A 114 14.54 -12.55 -20.35
C TYR A 114 14.32 -11.04 -20.41
N VAL A 115 13.75 -10.49 -19.35
CA VAL A 115 13.48 -9.07 -19.28
C VAL A 115 14.76 -8.25 -19.42
N ALA A 116 15.88 -8.80 -18.92
CA ALA A 116 17.15 -8.09 -19.03
C ALA A 116 17.76 -8.24 -20.41
N GLU A 117 17.71 -9.41 -21.01
CA GLU A 117 18.40 -9.56 -22.29
C GLU A 117 17.88 -10.61 -23.27
N GLY A 118 16.57 -10.83 -23.26
CA GLY A 118 15.91 -11.65 -24.26
C GLY A 118 15.48 -10.84 -25.49
N ASP A 119 14.84 -11.50 -26.45
CA ASP A 119 14.24 -10.79 -27.57
C ASP A 119 12.93 -10.23 -27.04
N MET A 120 12.87 -8.92 -26.86
CA MET A 120 11.67 -8.31 -26.27
CA MET A 120 11.70 -8.29 -26.27
C MET A 120 10.61 -7.94 -27.30
N THR A 121 10.95 -8.08 -28.59
CA THR A 121 9.97 -7.85 -29.66
C THR A 121 8.98 -8.99 -29.70
N LEU A 122 9.44 -10.15 -29.26
CA LEU A 122 8.64 -11.38 -29.20
C LEU A 122 8.33 -11.99 -30.57
N LYS A 123 8.84 -11.38 -31.63
CA LYS A 123 8.70 -11.96 -32.95
C LYS A 123 9.50 -13.26 -32.94
N ARG A 124 10.57 -13.25 -32.17
CA ARG A 124 11.29 -14.48 -31.85
C ARG A 124 11.51 -14.60 -30.34
N LEU A 125 11.81 -15.80 -29.87
CA LEU A 125 12.13 -15.98 -28.46
C LEU A 125 13.59 -16.39 -28.23
N ARG A 126 14.40 -15.46 -27.77
CA ARG A 126 15.83 -15.67 -27.70
C ARG A 126 16.42 -15.07 -26.42
N ILE A 127 17.41 -15.74 -25.85
CA ILE A 127 18.16 -15.18 -24.73
C ILE A 127 19.63 -15.19 -25.08
N TRP A 128 20.31 -14.05 -24.91
CA TRP A 128 21.72 -13.94 -25.28
C TRP A 128 22.63 -13.98 -24.07
N ASN A 129 23.80 -14.59 -24.19
CA ASN A 129 24.76 -14.58 -23.08
C ASN A 129 26.06 -15.31 -23.43
N LYS A 130 27.20 -14.76 -22.97
CA LYS A 130 28.51 -15.36 -23.19
C LYS A 130 28.75 -16.59 -22.33
N ASN A 131 27.86 -16.81 -21.36
CA ASN A 131 28.00 -17.90 -20.41
C ASN A 131 27.24 -19.19 -20.82
N LYS A 132 27.87 -20.04 -21.62
CA LYS A 132 27.19 -21.21 -22.18
C LYS A 132 26.62 -22.07 -21.07
N ALA A 133 27.38 -22.17 -19.99
CA ALA A 133 27.01 -23.08 -18.90
C ALA A 133 25.70 -22.65 -18.25
N LEU A 134 25.54 -21.35 -18.09
CA LEU A 134 24.30 -20.80 -17.56
C LEU A 134 23.12 -21.03 -18.52
N LEU A 135 23.35 -20.85 -19.82
CA LEU A 135 22.32 -21.11 -20.81
C LEU A 135 21.93 -22.60 -20.80
N GLU A 136 22.97 -23.43 -20.73
CA GLU A 136 22.78 -24.86 -20.57
C GLU A 136 21.81 -25.20 -19.43
N ILE A 137 21.95 -24.51 -18.29
CA ILE A 137 21.07 -24.75 -17.16
C ILE A 137 19.66 -24.21 -17.41
N VAL A 138 19.55 -23.07 -18.05
CA VAL A 138 18.22 -22.58 -18.37
C VAL A 138 17.58 -23.55 -19.37
N SER A 139 18.41 -24.09 -20.27
CA SER A 139 17.91 -25.00 -21.30
C SER A 139 17.29 -26.25 -20.68
N ARG A 140 17.99 -26.85 -19.72
CA ARG A 140 17.45 -28.02 -19.04
C ARG A 140 16.13 -27.70 -18.32
N TRP A 141 16.08 -26.57 -17.62
CA TRP A 141 14.85 -26.21 -16.92
C TRP A 141 13.70 -26.06 -17.88
N LEU A 142 13.97 -25.44 -19.03
CA LEU A 142 12.94 -25.23 -20.04
C LEU A 142 12.46 -26.56 -20.66
N ASN A 143 13.39 -27.46 -20.92
CA ASN A 143 13.00 -28.79 -21.39
C ASN A 143 12.07 -29.47 -20.40
N ASN A 144 12.35 -29.30 -19.11
CA ASN A 144 11.47 -29.85 -18.08
C ASN A 144 10.10 -29.16 -18.00
N LEU A 145 10.03 -27.90 -18.41
CA LEU A 145 8.77 -27.18 -18.41
C LEU A 145 7.96 -27.41 -19.68
N GLY A 146 8.52 -28.17 -20.63
CA GLY A 146 7.80 -28.48 -21.86
C GLY A 146 8.02 -27.47 -22.98
N VAL A 147 9.20 -26.87 -23.00
CA VAL A 147 9.52 -25.78 -23.91
C VAL A 147 10.83 -26.08 -24.61
N ARG A 148 10.75 -26.44 -25.88
CA ARG A 148 11.92 -26.94 -26.58
C ARG A 148 12.81 -25.78 -26.99
N ASN A 149 14.10 -26.03 -27.17
CA ASN A 149 15.04 -24.92 -27.36
C ASN A 149 16.40 -25.44 -27.81
N THR A 150 17.24 -24.54 -28.33
CA THR A 150 18.56 -24.92 -28.81
C THR A 150 19.58 -23.83 -28.50
N ILE A 151 20.83 -24.24 -28.38
CA ILE A 151 21.89 -23.31 -28.06
C ILE A 151 22.98 -23.35 -29.13
N HIS A 152 23.32 -22.20 -29.68
CA HIS A 152 24.46 -22.14 -30.57
CA HIS A 152 24.36 -22.08 -30.69
C HIS A 152 25.20 -20.83 -30.39
N LEU A 153 26.35 -20.71 -31.04
CA LEU A 153 27.12 -19.48 -30.91
C LEU A 153 26.62 -18.45 -31.93
N ASP A 154 25.88 -17.47 -31.45
CA ASP A 154 25.28 -16.44 -32.30
C ASP A 154 26.34 -15.46 -32.80
N ASP A 155 27.04 -14.82 -31.87
CA ASP A 155 27.96 -13.76 -32.21
C ASP A 155 29.39 -14.27 -32.13
N HIS A 156 29.92 -14.65 -33.29
CA HIS A 156 31.28 -15.15 -33.37
C HIS A 156 32.27 -14.09 -32.90
N ARG A 157 31.93 -12.81 -33.08
CA ARG A 157 32.81 -11.72 -32.69
C ARG A 157 33.10 -11.67 -31.19
N HIS A 158 32.06 -11.83 -30.36
CA HIS A 158 32.19 -11.62 -28.93
C HIS A 158 32.02 -12.87 -28.06
N GLY A 159 31.89 -14.04 -28.67
CA GLY A 159 31.74 -15.26 -27.90
C GLY A 159 30.39 -15.35 -27.22
N VAL A 160 29.39 -14.71 -27.83
CA VAL A 160 28.06 -14.65 -27.24
C VAL A 160 27.15 -15.74 -27.76
N TYR A 161 26.65 -16.58 -26.86
CA TYR A 161 25.74 -17.65 -27.24
C TYR A 161 24.32 -17.14 -27.26
N VAL A 162 23.45 -17.85 -27.97
CA VAL A 162 22.02 -17.59 -27.88
C VAL A 162 21.29 -18.87 -27.50
N LEU A 163 20.27 -18.72 -26.66
CA LEU A 163 19.34 -19.80 -26.41
C LEU A 163 18.08 -19.46 -27.19
N ASN A 164 17.79 -20.26 -28.20
CA ASN A 164 16.58 -20.07 -29.00
C ASN A 164 15.43 -20.97 -28.56
N ILE A 165 14.37 -20.35 -28.05
CA ILE A 165 13.17 -21.07 -27.69
C ILE A 165 12.36 -21.35 -28.95
N SER A 166 11.89 -22.58 -29.10
CA SER A 166 11.11 -22.94 -30.28
C SER A 166 9.72 -22.31 -30.30
N LEU A 167 9.43 -21.59 -31.38
CA LEU A 167 8.12 -20.97 -31.55
C LEU A 167 7.00 -22.02 -31.55
N ARG A 168 7.37 -23.27 -31.74
CA ARG A 168 6.46 -24.39 -31.56
C ARG A 168 5.84 -24.31 -30.18
N ASP A 169 6.67 -23.94 -29.20
CA ASP A 169 6.22 -23.93 -27.81
C ASP A 169 5.98 -22.52 -27.23
N ARG A 170 5.82 -21.53 -28.11
CA ARG A 170 5.76 -20.12 -27.68
C ARG A 170 4.72 -19.81 -26.60
N ILE A 171 3.49 -20.26 -26.81
CA ILE A 171 2.45 -20.03 -25.82
C ILE A 171 2.91 -20.51 -24.46
N LYS A 172 3.29 -21.77 -24.37
CA LYS A 172 3.69 -22.34 -23.10
C LYS A 172 4.72 -21.42 -22.46
N PHE A 173 5.74 -21.04 -23.23
CA PHE A 173 6.80 -20.19 -22.70
C PHE A 173 6.31 -18.80 -22.26
N VAL A 174 5.55 -18.11 -23.10
CA VAL A 174 5.08 -16.78 -22.74
C VAL A 174 4.06 -16.83 -21.61
N HIS A 175 3.10 -17.74 -21.69
CA HIS A 175 2.01 -17.82 -20.71
C HIS A 175 2.45 -18.29 -19.32
N THR A 176 3.42 -19.18 -19.28
CA THR A 176 3.83 -19.73 -17.98
C THR A 176 5.15 -19.14 -17.46
N ILE A 177 5.75 -18.23 -18.22
CA ILE A 177 7.01 -17.62 -17.79
C ILE A 177 7.03 -16.09 -17.89
N LEU A 178 6.88 -15.54 -19.09
CA LEU A 178 6.89 -14.09 -19.23
C LEU A 178 5.64 -13.43 -18.63
N SER A 179 4.57 -14.21 -18.52
CA SER A 179 3.30 -13.67 -18.05
C SER A 179 2.89 -14.36 -16.77
N SER A 180 3.88 -14.80 -16.00
CA SER A 180 3.60 -15.49 -14.74
C SER A 180 3.38 -14.45 -13.65
N HIS A 181 2.47 -14.78 -12.73
CA HIS A 181 2.16 -13.92 -11.60
C HIS A 181 2.91 -14.41 -10.35
N LEU A 182 3.92 -15.26 -10.54
CA LEU A 182 4.54 -15.98 -9.42
C LEU A 182 5.46 -15.14 -8.54
N ASN A 183 4.87 -14.45 -7.55
CA ASN A 183 5.65 -13.66 -6.60
C ASN A 183 4.83 -13.18 -5.41
N GLU F 5 -39.01 -19.59 -19.55
CA GLU F 5 -38.48 -20.28 -18.38
C GLU F 5 -37.96 -19.29 -17.34
N ASN F 6 -37.59 -18.10 -17.82
CA ASN F 6 -37.13 -17.01 -16.96
C ASN F 6 -35.71 -17.25 -16.42
N VAL F 7 -35.53 -18.36 -15.72
CA VAL F 7 -34.21 -18.75 -15.23
C VAL F 7 -33.22 -19.02 -16.39
N SER F 8 -33.71 -19.54 -17.50
CA SER F 8 -32.86 -19.78 -18.65
C SER F 8 -32.53 -18.46 -19.37
N GLY F 9 -33.43 -17.49 -19.25
CA GLY F 9 -33.20 -16.16 -19.80
C GLY F 9 -32.14 -15.43 -19.01
N ILE F 10 -32.41 -15.24 -17.72
CA ILE F 10 -31.44 -14.68 -16.81
C ILE F 10 -30.06 -15.38 -16.95
N SER F 11 -30.07 -16.70 -17.04
CA SER F 11 -28.83 -17.43 -17.25
C SER F 11 -28.12 -16.98 -18.51
N ALA F 12 -28.83 -16.96 -19.63
CA ALA F 12 -28.22 -16.61 -20.90
C ALA F 12 -27.79 -15.14 -20.97
N TYR F 13 -28.57 -14.25 -20.36
CA TYR F 13 -28.12 -12.88 -20.16
C TYR F 13 -26.76 -12.83 -19.45
N LEU F 14 -26.70 -13.37 -18.24
CA LEU F 14 -25.47 -13.44 -17.46
C LEU F 14 -24.30 -14.07 -18.22
N LEU F 15 -24.56 -15.15 -18.94
CA LEU F 15 -23.47 -15.80 -19.67
C LEU F 15 -22.86 -14.80 -20.64
N GLY F 16 -23.73 -14.03 -21.29
CA GLY F 16 -23.31 -12.97 -22.17
C GLY F 16 -22.35 -12.03 -21.48
N LEU F 17 -22.78 -11.45 -20.37
CA LEU F 17 -21.87 -10.64 -19.56
C LEU F 17 -20.56 -11.38 -19.25
N ILE F 18 -20.67 -12.62 -18.76
CA ILE F 18 -19.48 -13.40 -18.41
C ILE F 18 -18.51 -13.54 -19.57
N ILE F 19 -19.01 -14.01 -20.72
CA ILE F 19 -18.13 -14.16 -21.87
C ILE F 19 -17.52 -12.83 -22.33
N GLY F 20 -18.32 -11.78 -22.33
CA GLY F 20 -17.84 -10.48 -22.74
C GLY F 20 -16.84 -9.86 -21.78
N ASP F 21 -17.28 -9.59 -20.55
CA ASP F 21 -16.49 -8.78 -19.65
C ASP F 21 -16.00 -9.57 -18.45
N GLY F 22 -15.99 -10.89 -18.57
CA GLY F 22 -15.66 -11.70 -17.42
C GLY F 22 -14.97 -12.98 -17.77
N GLY F 23 -15.35 -14.07 -17.11
CA GLY F 23 -14.70 -15.33 -17.37
C GLY F 23 -15.17 -16.42 -16.44
N LEU F 24 -14.76 -17.63 -16.76
CA LEU F 24 -15.02 -18.81 -15.97
C LEU F 24 -13.67 -19.41 -15.74
N TYR F 25 -13.27 -19.55 -14.49
CA TYR F 25 -11.90 -19.98 -14.19
C TYR F 25 -11.88 -21.24 -13.35
N LYS F 26 -10.93 -22.12 -13.67
CA LYS F 26 -10.72 -23.34 -12.91
C LYS F 26 -9.34 -23.18 -12.28
N LEU F 27 -9.28 -23.02 -10.96
CA LEU F 27 -8.01 -22.72 -10.31
C LEU F 27 -7.43 -23.89 -9.52
N LYS F 28 -6.12 -24.08 -9.68
CA LYS F 28 -5.32 -24.99 -8.86
C LYS F 28 -4.36 -24.19 -7.95
N TYR F 29 -4.56 -24.27 -6.64
CA TYR F 29 -3.59 -23.70 -5.71
C TYR F 29 -2.73 -24.82 -5.11
N LYS F 30 -1.58 -24.46 -4.57
CA LYS F 30 -0.80 -25.44 -3.82
C LYS F 30 -1.27 -25.39 -2.38
N GLY F 31 -1.84 -26.48 -1.90
CA GLY F 31 -2.08 -27.66 -2.70
C GLY F 31 -2.61 -28.70 -1.72
N ASN F 32 -3.35 -29.69 -2.21
CA ASN F 32 -3.83 -29.71 -3.57
C ASN F 32 -5.16 -28.96 -3.58
N ARG F 33 -5.11 -27.71 -3.16
CA ARG F 33 -6.32 -26.89 -3.08
C ARG F 33 -6.81 -26.45 -4.47
N SER F 34 -8.00 -25.87 -4.52
CA SER F 34 -8.57 -25.47 -5.80
C SER F 34 -9.74 -24.52 -5.62
N GLU F 35 -10.13 -23.88 -6.71
CA GLU F 35 -11.29 -23.01 -6.70
C GLU F 35 -11.92 -22.93 -8.08
N TYR F 36 -13.23 -22.68 -8.11
CA TYR F 36 -13.97 -22.46 -9.36
C TYR F 36 -14.70 -21.13 -9.29
N ARG F 37 -14.37 -20.25 -10.22
CA ARG F 37 -14.89 -18.89 -10.19
C ARG F 37 -15.75 -18.56 -11.39
N VAL F 38 -16.89 -17.93 -11.10
CA VAL F 38 -17.74 -17.33 -12.10
C VAL F 38 -17.64 -15.83 -11.94
N VAL F 39 -17.17 -15.13 -12.97
CA VAL F 39 -16.77 -13.73 -12.80
C VAL F 39 -17.30 -12.77 -13.86
N ILE F 40 -17.95 -11.70 -13.41
CA ILE F 40 -18.24 -10.56 -14.27
C ILE F 40 -17.55 -9.29 -13.77
N THR F 41 -16.76 -8.69 -14.64
CA THR F 41 -15.99 -7.49 -14.33
C THR F 41 -16.71 -6.27 -14.89
N ALA F 42 -16.58 -5.11 -14.22
CA ALA F 42 -17.24 -3.87 -14.67
C ALA F 42 -16.68 -2.61 -14.01
N LYS F 43 -16.70 -1.48 -14.73
CA LYS F 43 -16.16 -0.22 -14.21
C LYS F 43 -16.95 0.36 -13.04
N SER F 44 -18.26 0.46 -13.20
CA SER F 44 -19.13 1.04 -12.18
C SER F 44 -19.55 0.07 -11.06
N GLU F 45 -19.33 0.49 -9.82
CA GLU F 45 -19.71 -0.34 -8.69
C GLU F 45 -21.23 -0.46 -8.62
N ASN F 46 -21.93 0.54 -9.15
CA ASN F 46 -23.39 0.55 -9.06
C ASN F 46 -24.07 -0.40 -10.03
N LEU F 47 -23.62 -0.39 -11.28
CA LEU F 47 -24.11 -1.33 -12.27
C LEU F 47 -24.05 -2.72 -11.68
N ILE F 48 -22.92 -3.04 -11.07
N ILE F 48 -22.92 -3.04 -11.07
CA ILE F 48 -22.70 -4.34 -10.45
CA ILE F 48 -22.71 -4.35 -10.45
C ILE F 48 -23.65 -4.64 -9.30
C ILE F 48 -23.70 -4.62 -9.32
N LYS F 49 -23.73 -3.75 -8.34
CA LYS F 49 -24.60 -3.94 -7.17
C LYS F 49 -26.07 -3.83 -7.52
N GLN F 50 -26.40 -3.00 -8.50
CA GLN F 50 -27.81 -2.68 -8.76
C GLN F 50 -28.45 -3.39 -9.97
N HIS F 51 -27.67 -3.70 -10.98
CA HIS F 51 -28.21 -4.41 -12.13
C HIS F 51 -27.76 -5.87 -12.19
N ILE F 52 -26.48 -6.11 -12.00
CA ILE F 52 -25.96 -7.46 -12.18
C ILE F 52 -26.21 -8.38 -11.00
N ALA F 53 -25.66 -8.01 -9.85
CA ALA F 53 -25.72 -8.84 -8.66
C ALA F 53 -27.10 -9.42 -8.39
N PRO F 54 -28.13 -8.59 -8.43
CA PRO F 54 -29.43 -9.15 -8.03
C PRO F 54 -29.88 -10.24 -9.00
N LEU F 55 -29.54 -10.07 -10.27
CA LEU F 55 -29.80 -11.10 -11.26
C LEU F 55 -29.08 -12.40 -10.90
N MET F 56 -27.79 -12.30 -10.61
CA MET F 56 -27.01 -13.45 -10.22
C MET F 56 -27.47 -14.07 -8.92
N GLN F 57 -27.93 -13.24 -7.99
CA GLN F 57 -28.33 -13.77 -6.70
C GLN F 57 -29.57 -14.61 -6.91
N PHE F 58 -30.47 -14.12 -7.76
CA PHE F 58 -31.69 -14.85 -8.05
C PHE F 58 -31.32 -16.21 -8.61
N LEU F 59 -30.36 -16.24 -9.52
CA LEU F 59 -29.89 -17.49 -10.06
C LEU F 59 -29.30 -18.40 -8.98
N ILE F 60 -28.35 -17.87 -8.20
CA ILE F 60 -27.76 -18.59 -7.07
C ILE F 60 -28.84 -19.28 -6.24
N ASP F 61 -29.89 -18.53 -5.95
CA ASP F 61 -31.00 -19.01 -5.15
C ASP F 61 -31.75 -20.16 -5.82
N GLU F 62 -32.05 -20.02 -7.10
CA GLU F 62 -32.83 -21.04 -7.80
C GLU F 62 -32.11 -22.37 -7.86
N LEU F 63 -30.80 -22.33 -7.98
CA LEU F 63 -30.00 -23.54 -8.12
C LEU F 63 -29.57 -24.07 -6.76
N ASN F 64 -30.09 -23.47 -5.70
CA ASN F 64 -29.64 -23.80 -4.34
CA ASN F 64 -29.66 -23.84 -4.36
C ASN F 64 -28.12 -23.93 -4.28
N VAL F 65 -27.44 -22.92 -4.81
CA VAL F 65 -25.99 -22.83 -4.71
C VAL F 65 -25.65 -22.08 -3.42
N LYS F 66 -24.86 -22.70 -2.55
CA LYS F 66 -24.59 -22.09 -1.25
C LYS F 66 -23.69 -20.85 -1.27
N SER F 67 -22.80 -20.79 -2.26
CA SER F 67 -21.81 -19.71 -2.40
C SER F 67 -22.39 -18.30 -2.34
N LYS F 68 -21.54 -17.32 -2.04
CA LYS F 68 -22.03 -15.94 -1.94
C LYS F 68 -21.51 -15.11 -3.08
N ILE F 69 -22.16 -13.98 -3.33
CA ILE F 69 -21.70 -13.03 -4.32
C ILE F 69 -20.67 -12.10 -3.70
N GLN F 70 -19.42 -12.25 -4.13
CA GLN F 70 -18.36 -11.36 -3.70
C GLN F 70 -18.23 -10.18 -4.65
N ILE F 71 -18.09 -8.98 -4.10
CA ILE F 71 -17.73 -7.80 -4.90
C ILE F 71 -16.38 -7.31 -4.42
N VAL F 72 -15.40 -7.35 -5.33
CA VAL F 72 -14.01 -7.03 -5.02
C VAL F 72 -13.57 -5.78 -5.77
N LYS F 73 -12.78 -4.92 -5.13
CA LYS F 73 -12.31 -3.72 -5.80
C LYS F 73 -10.90 -3.86 -6.33
N GLY F 74 -10.75 -3.55 -7.61
CA GLY F 74 -9.44 -3.50 -8.23
C GLY F 74 -9.18 -2.06 -8.60
N ASP F 75 -7.94 -1.76 -9.01
CA ASP F 75 -7.57 -0.41 -9.37
C ASP F 75 -8.50 0.16 -10.44
N THR F 76 -8.79 -0.64 -11.47
CA THR F 76 -9.47 -0.14 -12.66
C THR F 76 -10.90 -0.63 -12.90
N ARG F 77 -11.40 -1.50 -12.04
CA ARG F 77 -12.76 -2.01 -12.20
C ARG F 77 -13.15 -2.88 -11.03
N TYR F 78 -14.45 -3.02 -10.81
CA TYR F 78 -14.96 -3.87 -9.77
C TYR F 78 -15.10 -5.26 -10.35
N GLU F 79 -15.04 -6.27 -9.48
CA GLU F 79 -15.18 -7.66 -9.89
C GLU F 79 -16.29 -8.31 -9.13
N LEU F 80 -17.31 -8.78 -9.83
CA LEU F 80 -18.29 -9.61 -9.17
C LEU F 80 -17.82 -11.05 -9.33
N ARG F 81 -17.81 -11.81 -8.24
CA ARG F 81 -17.37 -13.20 -8.33
C ARG F 81 -18.16 -14.13 -7.45
N VAL F 82 -18.39 -15.34 -7.96
CA VAL F 82 -19.03 -16.40 -7.21
C VAL F 82 -18.09 -17.59 -7.22
N SER F 83 -17.57 -17.94 -6.05
CA SER F 83 -16.69 -19.08 -5.95
C SER F 83 -17.55 -20.32 -5.70
N SER F 84 -17.76 -21.09 -6.76
CA SER F 84 -18.67 -22.24 -6.71
C SER F 84 -18.47 -23.18 -7.87
N LYS F 85 -17.97 -24.37 -7.59
CA LYS F 85 -17.75 -25.39 -8.59
C LYS F 85 -19.05 -25.69 -9.33
N LYS F 86 -20.16 -25.68 -8.61
CA LYS F 86 -21.44 -25.97 -9.22
C LYS F 86 -21.87 -24.91 -10.23
N LEU F 87 -21.75 -23.64 -9.87
CA LEU F 87 -22.15 -22.58 -10.78
C LEU F 87 -21.16 -22.50 -11.94
N TYR F 88 -19.94 -22.97 -11.71
CA TYR F 88 -18.91 -22.94 -12.74
C TYR F 88 -19.29 -23.87 -13.87
N TYR F 89 -19.53 -25.13 -13.53
CA TYR F 89 -19.92 -26.14 -14.51
C TYR F 89 -21.29 -25.86 -15.11
N TYR F 90 -22.14 -25.14 -14.39
CA TYR F 90 -23.45 -24.83 -14.92
C TYR F 90 -23.32 -23.89 -16.12
N PHE F 91 -22.48 -22.87 -15.97
CA PHE F 91 -22.23 -21.91 -17.03
C PHE F 91 -21.37 -22.45 -18.16
N ALA F 92 -20.29 -23.16 -17.81
CA ALA F 92 -19.42 -23.79 -18.81
C ALA F 92 -20.17 -24.79 -19.71
N ASN F 93 -21.03 -25.58 -19.11
CA ASN F 93 -21.80 -26.55 -19.85
C ASN F 93 -22.78 -25.85 -20.76
N MET F 94 -23.33 -24.74 -20.27
CA MET F 94 -24.25 -23.94 -21.07
C MET F 94 -23.50 -23.41 -22.27
N LEU F 95 -22.27 -22.95 -22.06
CA LEU F 95 -21.46 -22.41 -23.13
C LEU F 95 -21.25 -23.45 -24.25
N GLU F 96 -21.01 -24.70 -23.86
CA GLU F 96 -20.82 -25.79 -24.81
C GLU F 96 -22.04 -26.04 -25.67
N ARG F 97 -23.21 -26.03 -25.05
CA ARG F 97 -24.47 -26.28 -25.74
C ARG F 97 -25.08 -25.00 -26.29
N ILE F 98 -24.25 -23.99 -26.50
CA ILE F 98 -24.74 -22.68 -26.91
C ILE F 98 -25.50 -22.69 -28.26
N ARG F 99 -24.99 -23.44 -29.24
CA ARG F 99 -25.62 -23.55 -30.56
CA ARG F 99 -25.62 -23.50 -30.56
C ARG F 99 -27.08 -23.97 -30.48
N LEU F 100 -27.45 -24.62 -29.37
CA LEU F 100 -28.80 -25.14 -29.17
C LEU F 100 -29.72 -24.22 -28.37
N PHE F 101 -29.32 -22.97 -28.23
CA PHE F 101 -30.12 -21.99 -27.51
C PHE F 101 -31.44 -21.76 -28.23
N ASN F 102 -32.54 -21.76 -27.49
CA ASN F 102 -33.82 -21.37 -28.05
C ASN F 102 -33.90 -19.85 -28.30
N MET F 103 -34.95 -19.42 -29.00
CA MET F 103 -35.05 -18.01 -29.34
C MET F 103 -34.84 -17.09 -28.14
N ARG F 104 -35.52 -17.37 -27.03
CA ARG F 104 -35.35 -16.55 -25.83
C ARG F 104 -33.90 -16.43 -25.35
N GLU F 105 -33.20 -17.56 -25.35
CA GLU F 105 -31.81 -17.58 -24.88
C GLU F 105 -30.88 -16.82 -25.81
N GLN F 106 -31.18 -16.82 -27.11
CA GLN F 106 -30.35 -16.08 -28.05
C GLN F 106 -30.53 -14.59 -27.83
N ILE F 107 -31.77 -14.17 -27.76
CA ILE F 107 -32.08 -12.78 -27.44
C ILE F 107 -31.26 -12.35 -26.23
N ALA F 108 -31.51 -12.99 -25.09
CA ALA F 108 -30.83 -12.66 -23.84
C ALA F 108 -29.30 -12.70 -23.94
N PHE F 109 -28.76 -13.84 -24.36
CA PHE F 109 -27.31 -13.88 -24.55
C PHE F 109 -26.80 -12.68 -25.36
N ILE F 110 -27.41 -12.42 -26.51
CA ILE F 110 -27.00 -11.31 -27.35
C ILE F 110 -27.08 -10.00 -26.58
N LYS F 111 -28.21 -9.81 -25.90
CA LYS F 111 -28.40 -8.64 -25.07
C LYS F 111 -27.21 -8.50 -24.11
N GLY F 112 -26.89 -9.59 -23.42
CA GLY F 112 -25.79 -9.58 -22.47
C GLY F 112 -24.44 -9.24 -23.08
N LEU F 113 -24.08 -9.96 -24.14
CA LEU F 113 -22.85 -9.70 -24.87
C LEU F 113 -22.77 -8.26 -25.39
N TYR F 114 -23.90 -7.72 -25.84
CA TYR F 114 -23.91 -6.34 -26.31
C TYR F 114 -23.67 -5.37 -25.16
N VAL F 115 -24.27 -5.62 -24.00
CA VAL F 115 -24.01 -4.77 -22.85
C VAL F 115 -22.54 -4.82 -22.45
N ALA F 116 -21.94 -6.00 -22.55
CA ALA F 116 -20.54 -6.15 -22.20
C ALA F 116 -19.63 -5.45 -23.18
N GLU F 117 -19.80 -5.69 -24.47
CA GLU F 117 -18.83 -5.13 -25.40
C GLU F 117 -19.38 -4.80 -26.78
N GLY F 118 -20.49 -4.09 -26.81
CA GLY F 118 -21.04 -3.57 -28.04
C GLY F 118 -20.77 -2.09 -28.12
N ASP F 119 -21.32 -1.43 -29.14
CA ASP F 119 -21.23 0.01 -29.25
C ASP F 119 -22.37 0.56 -28.41
N MET F 120 -22.06 1.01 -27.19
CA MET F 120 -23.15 1.45 -26.32
CA MET F 120 -23.09 1.48 -26.27
C MET F 120 -23.56 2.89 -26.59
N THR F 121 -22.88 3.54 -27.52
CA THR F 121 -23.29 4.88 -28.00
C THR F 121 -24.51 4.76 -28.92
N LEU F 122 -24.78 3.54 -29.36
CA LEU F 122 -25.86 3.22 -30.29
C LEU F 122 -25.85 4.03 -31.60
N LYS F 123 -24.85 4.90 -31.76
CA LYS F 123 -24.70 5.64 -33.00
C LYS F 123 -24.41 4.64 -34.10
N ARG F 124 -23.64 3.62 -33.75
CA ARG F 124 -23.45 2.47 -34.62
C ARG F 124 -23.77 1.21 -33.84
N LEU F 125 -24.18 0.16 -34.54
CA LEU F 125 -24.46 -1.10 -33.87
C LEU F 125 -23.38 -2.14 -34.17
N ARG F 126 -22.45 -2.31 -33.23
CA ARG F 126 -21.28 -3.16 -33.41
C ARG F 126 -21.01 -4.07 -32.20
N ILE F 127 -20.40 -5.22 -32.42
CA ILE F 127 -19.96 -6.09 -31.31
C ILE F 127 -18.56 -6.63 -31.55
N TRP F 128 -17.67 -6.45 -30.57
CA TRP F 128 -16.26 -6.82 -30.75
C TRP F 128 -15.91 -8.11 -30.04
N ASN F 129 -14.93 -8.84 -30.57
CA ASN F 129 -14.46 -10.08 -29.95
C ASN F 129 -13.44 -10.84 -30.81
N LYS F 130 -12.42 -11.43 -30.16
CA LYS F 130 -11.42 -12.21 -30.89
C LYS F 130 -11.94 -13.55 -31.36
N ASN F 131 -13.03 -14.02 -30.77
CA ASN F 131 -13.55 -15.34 -31.08
C ASN F 131 -14.49 -15.29 -32.30
N LYS F 132 -13.94 -15.40 -33.50
CA LYS F 132 -14.74 -15.34 -34.72
C LYS F 132 -15.91 -16.33 -34.69
N ALA F 133 -15.62 -17.59 -34.38
CA ALA F 133 -16.64 -18.63 -34.30
C ALA F 133 -17.86 -18.23 -33.47
N LEU F 134 -17.63 -17.57 -32.34
CA LEU F 134 -18.74 -17.13 -31.49
C LEU F 134 -19.52 -15.98 -32.13
N LEU F 135 -18.81 -15.05 -32.76
CA LEU F 135 -19.49 -13.99 -33.49
C LEU F 135 -20.28 -14.61 -34.63
N GLU F 136 -19.69 -15.63 -35.25
CA GLU F 136 -20.31 -16.29 -36.38
C GLU F 136 -21.67 -16.86 -35.99
N ILE F 137 -21.75 -17.39 -34.78
CA ILE F 137 -23.02 -17.90 -34.27
C ILE F 137 -24.02 -16.76 -34.06
N VAL F 138 -23.62 -15.72 -33.33
CA VAL F 138 -24.51 -14.58 -33.12
C VAL F 138 -24.98 -13.99 -34.45
N SER F 139 -24.14 -14.09 -35.47
CA SER F 139 -24.50 -13.63 -36.80
C SER F 139 -25.68 -14.43 -37.38
N ARG F 140 -25.56 -15.76 -37.29
CA ARG F 140 -26.58 -16.63 -37.82
C ARG F 140 -27.90 -16.44 -37.09
N TRP F 141 -27.84 -16.27 -35.77
CA TRP F 141 -29.06 -16.03 -35.01
C TRP F 141 -29.73 -14.74 -35.45
N LEU F 142 -28.93 -13.70 -35.65
CA LEU F 142 -29.47 -12.42 -36.08
C LEU F 142 -30.10 -12.51 -37.48
N ASN F 143 -29.40 -13.11 -38.43
CA ASN F 143 -29.98 -13.27 -39.77
C ASN F 143 -31.36 -13.87 -39.68
N ASN F 144 -31.52 -14.84 -38.78
CA ASN F 144 -32.80 -15.47 -38.54
C ASN F 144 -33.79 -14.56 -37.81
N LEU F 145 -33.30 -13.48 -37.21
CA LEU F 145 -34.21 -12.53 -36.59
C LEU F 145 -34.41 -11.33 -37.49
N GLY F 146 -33.98 -11.46 -38.74
CA GLY F 146 -34.15 -10.40 -39.72
C GLY F 146 -33.27 -9.19 -39.46
N VAL F 147 -32.04 -9.44 -39.05
CA VAL F 147 -31.14 -8.35 -38.72
C VAL F 147 -29.88 -8.55 -39.52
N ARG F 148 -29.77 -7.83 -40.63
CA ARG F 148 -28.64 -8.03 -41.52
C ARG F 148 -27.38 -7.56 -40.83
N ASN F 149 -26.29 -8.27 -41.06
CA ASN F 149 -25.06 -8.00 -40.34
C ASN F 149 -23.83 -8.50 -41.09
N THR F 150 -22.64 -8.20 -40.56
CA THR F 150 -21.42 -8.53 -41.27
C THR F 150 -20.27 -8.77 -40.30
N ILE F 151 -19.24 -9.50 -40.73
CA ILE F 151 -18.08 -9.73 -39.87
C ILE F 151 -16.73 -9.46 -40.55
N HIS F 152 -15.95 -8.51 -40.02
CA HIS F 152 -14.62 -8.20 -40.55
CA HIS F 152 -14.61 -8.26 -40.54
C HIS F 152 -13.54 -8.17 -39.45
N LEU F 153 -12.28 -8.21 -39.86
CA LEU F 153 -11.17 -8.09 -38.93
C LEU F 153 -10.90 -6.61 -38.64
N ASP F 154 -11.44 -6.12 -37.54
CA ASP F 154 -11.48 -4.70 -37.26
C ASP F 154 -10.17 -4.19 -36.72
N ASP F 155 -9.46 -5.05 -35.99
CA ASP F 155 -8.21 -4.66 -35.38
C ASP F 155 -7.13 -5.71 -35.68
N HIS F 156 -6.22 -5.36 -36.59
CA HIS F 156 -5.17 -6.30 -37.02
CA HIS F 156 -5.16 -6.27 -37.03
C HIS F 156 -4.09 -6.49 -35.96
N ARG F 157 -4.03 -5.59 -34.98
CA ARG F 157 -3.03 -5.64 -33.93
C ARG F 157 -3.21 -6.81 -32.96
N HIS F 158 -4.43 -6.97 -32.44
CA HIS F 158 -4.73 -8.01 -31.47
C HIS F 158 -5.64 -9.08 -32.05
N GLY F 159 -6.06 -8.88 -33.29
CA GLY F 159 -6.83 -9.87 -34.01
C GLY F 159 -8.29 -9.89 -33.61
N VAL F 160 -8.82 -8.72 -33.28
CA VAL F 160 -10.22 -8.59 -32.88
C VAL F 160 -11.11 -8.38 -34.08
N TYR F 161 -12.08 -9.29 -34.24
CA TYR F 161 -13.09 -9.12 -35.26
C TYR F 161 -14.24 -8.27 -34.72
N VAL F 162 -14.99 -7.64 -35.60
CA VAL F 162 -16.20 -6.94 -35.19
C VAL F 162 -17.39 -7.54 -35.92
N LEU F 163 -18.55 -7.52 -35.28
CA LEU F 163 -19.77 -7.92 -35.97
C LEU F 163 -20.55 -6.65 -36.12
N ASN F 164 -20.72 -6.23 -37.36
CA ASN F 164 -21.47 -5.03 -37.64
C ASN F 164 -22.91 -5.32 -38.00
N ILE F 165 -23.80 -4.67 -37.28
CA ILE F 165 -25.23 -4.78 -37.47
C ILE F 165 -25.73 -3.65 -38.37
N SER F 166 -26.39 -4.00 -39.47
CA SER F 166 -26.78 -2.98 -40.44
C SER F 166 -27.76 -1.97 -39.89
N LEU F 167 -27.42 -0.70 -40.03
CA LEU F 167 -28.26 0.39 -39.58
C LEU F 167 -29.66 0.31 -40.20
N ARG F 168 -29.78 -0.31 -41.37
CA ARG F 168 -31.08 -0.51 -41.99
C ARG F 168 -32.03 -1.09 -40.96
N ASP F 169 -31.56 -2.13 -40.27
CA ASP F 169 -32.41 -2.85 -39.33
C ASP F 169 -32.19 -2.40 -37.90
N ARG F 170 -31.57 -1.23 -37.75
CA ARG F 170 -31.41 -0.59 -36.46
C ARG F 170 -32.68 -0.73 -35.62
N ILE F 171 -33.79 -0.24 -36.15
CA ILE F 171 -35.07 -0.34 -35.45
C ILE F 171 -35.38 -1.76 -34.97
N LYS F 172 -35.27 -2.74 -35.86
CA LYS F 172 -35.59 -4.13 -35.52
C LYS F 172 -34.66 -4.67 -34.44
N PHE F 173 -33.38 -4.35 -34.54
CA PHE F 173 -32.40 -4.79 -33.55
C PHE F 173 -32.60 -4.19 -32.16
N VAL F 174 -32.76 -2.87 -32.10
CA VAL F 174 -32.91 -2.18 -30.81
C VAL F 174 -34.23 -2.48 -30.10
N HIS F 175 -35.29 -2.76 -30.85
CA HIS F 175 -36.59 -2.92 -30.22
C HIS F 175 -36.97 -4.38 -30.01
N THR F 176 -36.35 -5.27 -30.78
CA THR F 176 -36.75 -6.67 -30.74
C THR F 176 -35.78 -7.49 -29.93
N ILE F 177 -34.55 -6.98 -29.79
CA ILE F 177 -33.48 -7.71 -29.13
C ILE F 177 -32.97 -6.98 -27.90
N LEU F 178 -32.42 -5.78 -28.08
CA LEU F 178 -31.97 -5.00 -26.93
C LEU F 178 -33.09 -4.64 -25.97
N SER F 179 -34.32 -4.51 -26.47
CA SER F 179 -35.42 -4.01 -25.65
C SER F 179 -36.50 -5.03 -25.23
N SER F 180 -36.39 -6.27 -25.66
CA SER F 180 -37.45 -7.25 -25.34
C SER F 180 -37.60 -7.51 -23.83
N HIS F 181 -38.85 -7.58 -23.39
CA HIS F 181 -39.19 -7.68 -21.97
C HIS F 181 -39.43 -9.11 -21.45
N LEU F 182 -38.83 -10.10 -22.10
CA LEU F 182 -38.96 -11.49 -21.63
C LEU F 182 -37.84 -11.81 -20.65
N ASN F 183 -36.63 -11.42 -21.02
CA ASN F 183 -35.49 -11.47 -20.13
C ASN F 183 -35.28 -10.08 -19.53
N PRO F 184 -34.21 -9.92 -18.74
CA PRO F 184 -33.88 -8.62 -18.12
C PRO F 184 -33.50 -7.53 -19.13
N LEU F 185 -34.02 -6.32 -18.94
CA LEU F 185 -33.69 -5.20 -19.81
C LEU F 185 -32.28 -4.73 -19.52
N PRO F 186 -31.58 -4.24 -20.55
CA PRO F 186 -30.25 -3.65 -20.44
C PRO F 186 -30.28 -2.27 -19.78
N PRO F 187 -29.20 -1.91 -19.08
CA PRO F 187 -29.06 -0.59 -18.46
C PRO F 187 -28.91 0.50 -19.51
N GLU F 188 -28.84 1.76 -19.06
CA GLU F 188 -28.68 2.92 -19.93
C GLU F 188 -29.20 2.68 -21.34
N GLU J 5 -0.30 26.51 51.99
CA GLU J 5 -0.44 27.95 51.84
C GLU J 5 -1.48 28.33 50.78
N ASN J 6 -1.73 27.41 49.84
CA ASN J 6 -2.65 27.65 48.73
C ASN J 6 -2.05 28.49 47.60
N VAL J 7 -1.44 29.62 47.95
CA VAL J 7 -0.71 30.40 46.95
C VAL J 7 0.58 29.68 46.52
N SER J 8 1.15 28.88 47.41
CA SER J 8 2.33 28.12 47.04
C SER J 8 1.94 26.87 46.24
N GLY J 9 0.71 26.40 46.43
CA GLY J 9 0.18 25.27 45.67
C GLY J 9 -0.06 25.69 44.23
N ILE J 10 -0.80 26.77 44.06
CA ILE J 10 -1.01 27.33 42.73
C ILE J 10 0.33 27.74 42.11
N SER J 11 1.26 28.19 42.95
CA SER J 11 2.59 28.58 42.48
C SER J 11 3.33 27.40 41.88
N ALA J 12 3.26 26.26 42.57
CA ALA J 12 3.94 25.04 42.18
C ALA J 12 3.38 24.48 40.88
N TYR J 13 2.05 24.47 40.80
CA TYR J 13 1.36 24.05 39.60
C TYR J 13 1.75 24.90 38.40
N LEU J 14 1.69 26.22 38.55
CA LEU J 14 2.04 27.11 37.45
C LEU J 14 3.52 26.94 37.07
N LEU J 15 4.36 26.56 38.03
CA LEU J 15 5.76 26.32 37.71
C LEU J 15 5.93 25.04 36.87
N GLY J 16 5.05 24.07 37.10
CA GLY J 16 4.99 22.90 36.23
C GLY J 16 4.64 23.25 34.80
N LEU J 17 3.66 24.14 34.64
CA LEU J 17 3.28 24.56 33.30
C LEU J 17 4.44 25.31 32.65
N ILE J 18 5.10 26.16 33.43
CA ILE J 18 6.17 27.00 32.90
C ILE J 18 7.32 26.12 32.44
N ILE J 19 7.79 25.26 33.33
CA ILE J 19 8.95 24.42 33.01
C ILE J 19 8.67 23.48 31.85
N GLY J 20 7.47 22.88 31.84
CA GLY J 20 7.04 22.01 30.75
C GLY J 20 6.73 22.68 29.41
N ASP J 21 5.81 23.64 29.41
CA ASP J 21 5.31 24.20 28.15
C ASP J 21 5.65 25.66 27.96
N GLY J 22 6.51 26.21 28.81
CA GLY J 22 6.82 27.61 28.68
C GLY J 22 8.27 27.88 28.98
N GLY J 23 8.51 28.93 29.74
CA GLY J 23 9.88 29.28 30.02
C GLY J 23 9.95 30.51 30.87
N LEU J 24 11.17 30.81 31.29
CA LEU J 24 11.49 31.92 32.17
C LEU J 24 12.60 32.70 31.46
N TYR J 25 12.28 33.85 30.90
CA TYR J 25 13.26 34.52 30.03
C TYR J 25 13.76 35.85 30.56
N LYS J 26 15.09 35.95 30.66
CA LYS J 26 15.77 37.18 31.03
C LYS J 26 16.46 37.78 29.79
N LEU J 27 15.78 38.71 29.13
CA LEU J 27 16.25 39.29 27.87
C LEU J 27 17.09 40.56 28.05
N LYS J 28 18.06 40.73 27.16
CA LYS J 28 18.83 41.96 27.08
C LYS J 28 18.70 42.55 25.68
N TYR J 29 18.11 43.74 25.58
CA TYR J 29 17.94 44.40 24.30
C TYR J 29 18.97 45.49 24.12
N LYS J 30 18.91 46.20 23.00
CA LYS J 30 19.81 47.31 22.76
C LYS J 30 19.02 48.60 22.83
N GLY J 31 19.41 49.53 23.70
CA GLY J 31 20.37 49.31 24.75
C GLY J 31 20.17 50.38 25.80
N ASN J 32 20.56 50.11 27.03
CA ASN J 32 20.76 48.76 27.47
C ASN J 32 19.41 48.39 28.07
N ARG J 33 18.40 48.25 27.23
CA ARG J 33 17.06 47.86 27.69
C ARG J 33 17.00 46.38 28.16
N SER J 34 15.96 46.06 28.94
CA SER J 34 15.78 44.70 29.44
C SER J 34 14.31 44.33 29.50
N GLU J 35 14.07 43.04 29.72
CA GLU J 35 12.73 42.56 30.01
C GLU J 35 12.80 41.21 30.74
N TYR J 36 11.78 40.90 31.55
CA TYR J 36 11.77 39.64 32.29
C TYR J 36 10.43 38.97 32.06
N ARG J 37 10.45 37.79 31.46
CA ARG J 37 9.21 37.11 31.06
C ARG J 37 8.94 35.79 31.76
N VAL J 38 7.69 35.67 32.20
CA VAL J 38 7.15 34.40 32.63
C VAL J 38 6.17 33.98 31.56
N VAL J 39 6.49 32.88 30.90
CA VAL J 39 5.73 32.40 29.75
C VAL J 39 5.18 31.02 29.99
N ILE J 40 3.89 30.85 29.71
CA ILE J 40 3.27 29.55 29.56
C ILE J 40 2.59 29.50 28.20
N THR J 41 2.82 28.42 27.46
CA THR J 41 2.43 28.29 26.07
C THR J 41 1.43 27.14 25.84
N ALA J 42 0.42 27.35 25.01
CA ALA J 42 -0.68 26.36 24.79
C ALA J 42 -1.34 26.44 23.41
N LYS J 43 -1.88 25.30 22.95
CA LYS J 43 -2.60 25.29 21.68
C LYS J 43 -3.99 25.89 21.82
N SER J 44 -4.66 25.53 22.91
CA SER J 44 -6.04 25.93 23.15
C SER J 44 -6.18 27.31 23.74
N GLU J 45 -6.51 28.29 22.93
CA GLU J 45 -6.75 29.64 23.45
C GLU J 45 -7.70 29.60 24.65
N ASN J 46 -8.63 28.65 24.63
CA ASN J 46 -9.63 28.52 25.68
C ASN J 46 -9.02 28.09 27.02
N LEU J 47 -8.17 27.07 26.98
CA LEU J 47 -7.48 26.60 28.17
C LEU J 47 -6.67 27.74 28.81
N ILE J 48 -6.03 28.55 27.98
N ILE J 48 -6.03 28.54 27.96
CA ILE J 48 -5.24 29.67 28.47
CA ILE J 48 -5.24 29.67 28.43
C ILE J 48 -6.09 30.71 29.17
C ILE J 48 -6.09 30.70 29.17
N LYS J 49 -7.22 31.08 28.57
CA LYS J 49 -8.05 32.13 29.13
C LYS J 49 -8.94 31.68 30.29
N GLN J 50 -9.45 30.47 30.20
CA GLN J 50 -10.44 29.98 31.17
C GLN J 50 -9.76 29.30 32.35
N HIS J 51 -8.67 28.61 32.09
CA HIS J 51 -8.03 27.78 33.11
C HIS J 51 -6.77 28.43 33.68
N ILE J 52 -5.79 28.65 32.82
CA ILE J 52 -4.49 29.13 33.26
C ILE J 52 -4.48 30.59 33.73
N ALA J 53 -4.98 31.51 32.92
CA ALA J 53 -4.85 32.93 33.28
C ALA J 53 -5.49 33.37 34.60
N PRO J 54 -6.64 32.79 34.98
CA PRO J 54 -7.23 33.23 36.24
C PRO J 54 -6.38 32.79 37.44
N LEU J 55 -5.65 31.67 37.28
CA LEU J 55 -4.73 31.25 38.33
C LEU J 55 -3.56 32.24 38.43
N MET J 56 -2.93 32.52 37.30
CA MET J 56 -1.85 33.49 37.26
C MET J 56 -2.32 34.84 37.77
N GLN J 57 -3.55 35.24 37.41
CA GLN J 57 -4.06 36.53 37.84
C GLN J 57 -4.13 36.57 39.36
N PHE J 58 -4.58 35.47 39.94
CA PHE J 58 -4.68 35.38 41.38
C PHE J 58 -3.31 35.66 41.97
N LEU J 59 -2.31 35.00 41.40
CA LEU J 59 -0.95 35.13 41.89
C LEU J 59 -0.44 36.56 41.71
N ILE J 60 -0.72 37.17 40.56
CA ILE J 60 -0.33 38.55 40.33
CA ILE J 60 -0.30 38.55 40.33
C ILE J 60 -0.86 39.46 41.43
N ASP J 61 -2.13 39.24 41.79
CA ASP J 61 -2.82 40.03 42.80
C ASP J 61 -2.21 39.84 44.18
N GLU J 62 -1.99 38.58 44.54
CA GLU J 62 -1.38 38.23 45.81
C GLU J 62 -0.05 38.92 46.02
N LEU J 63 0.77 38.96 44.99
CA LEU J 63 2.13 39.51 45.08
C LEU J 63 2.19 40.96 44.70
N ASN J 64 1.06 41.61 44.51
CA ASN J 64 1.04 43.00 44.08
CA ASN J 64 1.06 43.01 44.10
C ASN J 64 1.97 43.26 42.90
N VAL J 65 1.98 42.33 41.95
CA VAL J 65 2.68 42.50 40.68
C VAL J 65 1.79 43.40 39.84
N LYS J 66 2.39 44.33 39.12
CA LYS J 66 1.57 45.31 38.45
C LYS J 66 1.40 44.99 36.97
N SER J 67 2.35 44.26 36.42
CA SER J 67 2.32 43.89 35.02
C SER J 67 1.02 43.20 34.67
N LYS J 68 0.59 43.36 33.42
CA LYS J 68 -0.65 42.74 33.02
C LYS J 68 -0.38 41.38 32.39
N ILE J 69 -1.40 40.52 32.37
CA ILE J 69 -1.30 39.26 31.68
C ILE J 69 -1.53 39.43 30.19
N GLN J 70 -0.50 39.14 29.39
CA GLN J 70 -0.60 39.20 27.95
C GLN J 70 -0.91 37.84 27.36
N ILE J 71 -1.84 37.81 26.40
CA ILE J 71 -2.08 36.59 25.63
C ILE J 71 -1.77 36.87 24.16
N VAL J 72 -0.61 36.40 23.68
CA VAL J 72 -0.22 36.65 22.30
C VAL J 72 -0.52 35.44 21.43
N LYS J 73 -1.09 35.69 20.26
CA LYS J 73 -1.46 34.64 19.31
C LYS J 73 -0.33 34.42 18.32
N GLY J 74 0.29 33.24 18.38
CA GLY J 74 1.34 32.89 17.44
C GLY J 74 0.81 31.92 16.41
N ASP J 75 1.64 31.57 15.44
CA ASP J 75 1.23 30.64 14.40
C ASP J 75 0.59 29.36 14.94
N THR J 76 1.35 28.61 15.73
CA THR J 76 0.97 27.27 16.13
C THR J 76 0.48 27.12 17.58
N ARG J 77 0.39 28.22 18.31
CA ARG J 77 0.01 28.14 19.71
C ARG J 77 -0.13 29.53 20.32
N TYR J 78 -0.96 29.64 21.35
CA TYR J 78 -1.11 30.89 22.08
C TYR J 78 -0.07 30.98 23.21
N GLU J 79 0.40 32.19 23.48
CA GLU J 79 1.38 32.41 24.53
C GLU J 79 0.86 33.34 25.63
N LEU J 80 0.73 32.80 26.83
CA LEU J 80 0.42 33.63 28.00
C LEU J 80 1.73 34.17 28.52
N ARG J 81 1.79 35.47 28.68
CA ARG J 81 3.04 36.11 29.07
C ARG J 81 2.85 37.18 30.11
N VAL J 82 3.67 37.12 31.16
CA VAL J 82 3.78 38.26 32.07
C VAL J 82 5.18 38.86 32.00
N SER J 83 5.24 40.14 31.68
CA SER J 83 6.49 40.87 31.63
C SER J 83 6.69 41.56 32.99
N SER J 84 7.57 41.01 33.82
CA SER J 84 7.65 41.44 35.21
C SER J 84 8.90 40.93 35.94
N LYS J 85 9.88 41.81 36.14
CA LYS J 85 11.09 41.42 36.86
C LYS J 85 10.77 40.67 38.16
N LYS J 86 9.75 41.13 38.87
CA LYS J 86 9.37 40.51 40.13
C LYS J 86 8.90 39.08 39.97
N LEU J 87 7.91 38.87 39.11
CA LEU J 87 7.36 37.54 38.96
C LEU J 87 8.42 36.61 38.37
N TYR J 88 9.25 37.15 37.49
CA TYR J 88 10.34 36.33 37.01
C TYR J 88 11.20 35.85 38.19
N TYR J 89 11.67 36.74 39.06
CA TYR J 89 12.50 36.27 40.17
C TYR J 89 11.78 35.33 41.16
N TYR J 90 10.54 35.68 41.51
CA TYR J 90 9.68 34.76 42.25
C TYR J 90 9.74 33.32 41.72
N PHE J 91 9.37 33.11 40.47
CA PHE J 91 9.42 31.77 39.90
C PHE J 91 10.82 31.23 39.76
N ALA J 92 11.74 32.06 39.30
CA ALA J 92 13.12 31.61 39.09
C ALA J 92 13.72 31.15 40.40
N ASN J 93 13.44 31.89 41.48
CA ASN J 93 13.97 31.55 42.81
C ASN J 93 13.30 30.30 43.36
N MET J 94 12.01 30.14 43.05
CA MET J 94 11.25 28.98 43.49
C MET J 94 11.81 27.72 42.83
N LEU J 95 12.12 27.81 41.54
CA LEU J 95 12.74 26.70 40.83
C LEU J 95 14.03 26.25 41.51
N GLU J 96 14.85 27.19 41.94
CA GLU J 96 16.15 26.86 42.51
C GLU J 96 16.00 26.09 43.79
N ARG J 97 14.92 26.38 44.52
CA ARG J 97 14.72 25.79 45.83
C ARG J 97 13.75 24.63 45.73
N ILE J 98 13.79 23.96 44.57
CA ILE J 98 12.77 22.97 44.22
C ILE J 98 12.91 21.70 45.06
N ARG J 99 14.14 21.34 45.39
CA ARG J 99 14.41 20.14 46.15
CA ARG J 99 14.40 20.11 46.14
C ARG J 99 13.75 20.16 47.52
N LEU J 100 13.41 21.37 47.98
CA LEU J 100 12.85 21.55 49.31
C LEU J 100 11.35 21.79 49.27
N PHE J 101 10.73 21.56 48.12
CA PHE J 101 9.27 21.62 48.02
C PHE J 101 8.68 20.68 49.08
N ASN J 102 7.55 21.06 49.66
CA ASN J 102 6.86 20.19 50.60
C ASN J 102 5.92 19.27 49.84
N MET J 103 5.09 18.51 50.55
CA MET J 103 4.22 17.59 49.86
C MET J 103 3.24 18.33 48.97
N ARG J 104 2.50 19.26 49.55
CA ARG J 104 1.47 19.97 48.79
C ARG J 104 2.05 20.42 47.46
N GLU J 105 3.28 20.93 47.52
CA GLU J 105 3.98 21.52 46.38
C GLU J 105 4.46 20.47 45.37
N GLN J 106 5.14 19.44 45.86
CA GLN J 106 5.48 18.29 45.03
C GLN J 106 4.30 17.83 44.18
N ILE J 107 3.15 17.63 44.82
CA ILE J 107 1.98 17.19 44.09
C ILE J 107 1.58 18.22 43.04
N ALA J 108 1.35 19.45 43.48
CA ALA J 108 0.88 20.47 42.55
C ALA J 108 1.84 20.63 41.38
N PHE J 109 3.13 20.55 41.65
CA PHE J 109 4.14 20.68 40.60
C PHE J 109 4.10 19.51 39.62
N ILE J 110 4.13 18.29 40.15
CA ILE J 110 4.08 17.11 39.29
C ILE J 110 2.85 17.14 38.38
N LYS J 111 1.72 17.56 38.94
CA LYS J 111 0.46 17.66 38.22
C LYS J 111 0.57 18.61 37.03
N GLY J 112 1.18 19.76 37.27
CA GLY J 112 1.33 20.79 36.25
C GLY J 112 2.29 20.34 35.18
N LEU J 113 3.35 19.67 35.59
CA LEU J 113 4.32 19.18 34.63
C LEU J 113 3.66 18.09 33.76
N TYR J 114 2.74 17.33 34.35
CA TYR J 114 2.05 16.28 33.62
C TYR J 114 1.08 16.87 32.64
N VAL J 115 0.20 17.74 33.15
CA VAL J 115 -0.70 18.49 32.28
C VAL J 115 0.01 19.07 31.05
N ALA J 116 1.29 19.39 31.20
CA ALA J 116 2.04 20.02 30.10
C ALA J 116 2.71 19.00 29.20
N GLU J 117 3.25 17.94 29.79
CA GLU J 117 4.14 17.05 29.05
C GLU J 117 4.06 15.59 29.47
N GLY J 118 2.98 15.22 30.15
CA GLY J 118 2.73 13.83 30.44
C GLY J 118 1.95 13.20 29.29
N ASP J 119 1.75 11.89 29.35
CA ASP J 119 0.93 11.20 28.37
C ASP J 119 -0.54 11.44 28.74
N MET J 120 -1.19 12.32 27.99
CA MET J 120 -2.54 12.77 28.32
C MET J 120 -3.62 11.72 28.05
N THR J 121 -3.31 10.71 27.23
CA THR J 121 -4.25 9.63 26.97
C THR J 121 -4.48 8.76 28.21
N LEU J 122 -3.49 8.72 29.09
CA LEU J 122 -3.53 7.89 30.28
C LEU J 122 -3.44 6.41 29.97
N LYS J 123 -3.53 6.03 28.69
CA LYS J 123 -3.32 4.64 28.34
C LYS J 123 -2.05 4.25 29.04
N ARG J 124 -1.05 5.09 28.91
CA ARG J 124 0.20 4.94 29.66
C ARG J 124 0.47 6.19 30.51
N LEU J 125 1.26 6.03 31.57
CA LEU J 125 1.57 7.14 32.46
C LEU J 125 3.03 7.54 32.27
N ARG J 126 3.27 8.64 31.56
CA ARG J 126 4.62 9.06 31.22
C ARG J 126 4.84 10.57 31.28
N ILE J 127 6.06 10.97 31.64
CA ILE J 127 6.48 12.36 31.53
C ILE J 127 7.77 12.44 30.72
N TRP J 128 7.85 13.43 29.84
CA TRP J 128 9.00 13.56 28.96
C TRP J 128 9.81 14.80 29.32
N ASN J 129 11.13 14.72 29.23
CA ASN J 129 11.96 15.90 29.46
C ASN J 129 13.44 15.73 29.19
N LYS J 130 14.04 16.76 28.60
CA LYS J 130 15.47 16.81 28.27
C LYS J 130 16.33 16.89 29.55
N ASN J 131 15.69 17.27 30.66
CA ASN J 131 16.35 17.46 31.94
C ASN J 131 16.27 16.23 32.83
N LYS J 132 17.31 15.39 32.79
CA LYS J 132 17.30 14.18 33.61
C LYS J 132 17.24 14.48 35.11
N ALA J 133 17.91 15.55 35.53
CA ALA J 133 18.04 15.86 36.95
C ALA J 133 16.69 16.23 37.52
N LEU J 134 15.90 16.93 36.71
CA LEU J 134 14.57 17.29 37.13
C LEU J 134 13.74 16.01 37.30
N LEU J 135 13.89 15.08 36.36
CA LEU J 135 13.08 13.86 36.38
C LEU J 135 13.46 13.02 37.58
N GLU J 136 14.76 12.99 37.87
CA GLU J 136 15.23 12.26 39.05
C GLU J 136 14.64 12.79 40.36
N ILE J 137 14.49 14.11 40.44
CA ILE J 137 13.85 14.77 41.58
C ILE J 137 12.38 14.39 41.68
N VAL J 138 11.72 14.31 40.53
CA VAL J 138 10.34 13.89 40.49
C VAL J 138 10.21 12.41 40.81
N SER J 139 11.12 11.61 40.26
CA SER J 139 11.15 10.18 40.55
C SER J 139 11.24 9.96 42.06
N ARG J 140 12.14 10.67 42.72
CA ARG J 140 12.24 10.50 44.16
C ARG J 140 10.90 10.86 44.84
N TRP J 141 10.32 11.99 44.47
CA TRP J 141 8.99 12.36 44.98
C TRP J 141 7.94 11.28 44.79
N LEU J 142 7.93 10.64 43.63
CA LEU J 142 6.90 9.64 43.38
C LEU J 142 7.12 8.36 44.19
N ASN J 143 8.37 7.96 44.38
CA ASN J 143 8.60 6.76 45.17
C ASN J 143 8.00 6.98 46.54
N ASN J 144 8.34 8.12 47.15
CA ASN J 144 7.82 8.45 48.47
C ASN J 144 6.29 8.39 48.53
N LEU J 145 5.64 8.87 47.47
CA LEU J 145 4.18 8.88 47.41
C LEU J 145 3.63 7.49 47.12
N GLY J 146 4.53 6.53 46.97
CA GLY J 146 4.15 5.14 46.77
C GLY J 146 3.88 4.80 45.32
N VAL J 147 4.61 5.48 44.43
CA VAL J 147 4.42 5.31 43.00
C VAL J 147 5.73 4.89 42.34
N ARG J 148 5.80 3.63 41.91
CA ARG J 148 7.01 3.10 41.27
C ARG J 148 7.18 3.65 39.85
N ASN J 149 8.42 3.80 39.42
CA ASN J 149 8.69 4.46 38.15
C ASN J 149 10.13 4.26 37.68
N THR J 150 10.38 4.54 36.39
CA THR J 150 11.73 4.44 35.87
C THR J 150 12.08 5.57 34.88
N ILE J 151 13.35 5.66 34.56
CA ILE J 151 13.83 6.74 33.75
C ILE J 151 14.84 6.18 32.73
N HIS J 152 14.56 6.37 31.45
CA HIS J 152 15.47 5.94 30.38
CA HIS J 152 15.55 6.02 30.45
C HIS J 152 15.59 7.08 29.37
N LEU J 153 16.65 7.04 28.58
CA LEU J 153 16.78 7.96 27.48
C LEU J 153 15.83 7.47 26.39
N ASP J 154 14.74 8.22 26.17
CA ASP J 154 13.71 7.79 25.26
C ASP J 154 13.98 8.18 23.80
N ASP J 155 14.29 9.45 23.58
CA ASP J 155 14.49 9.94 22.22
C ASP J 155 15.95 10.30 21.97
N HIS J 156 16.64 9.50 21.17
CA HIS J 156 18.05 9.75 20.88
C HIS J 156 18.22 10.95 19.95
N ARG J 157 17.17 11.30 19.24
CA ARG J 157 17.25 12.42 18.30
C ARG J 157 17.42 13.76 19.00
N HIS J 158 16.73 13.93 20.13
CA HIS J 158 16.77 15.21 20.82
C HIS J 158 17.19 15.10 22.30
N GLY J 159 17.79 13.99 22.68
CA GLY J 159 18.21 13.76 24.06
C GLY J 159 17.09 13.85 25.08
N VAL J 160 15.94 13.26 24.75
CA VAL J 160 14.79 13.40 25.62
C VAL J 160 14.50 12.19 26.49
N TYR J 161 14.65 12.37 27.81
CA TYR J 161 14.42 11.29 28.76
C TYR J 161 12.93 11.15 29.04
N VAL J 162 12.53 9.93 29.36
CA VAL J 162 11.15 9.67 29.79
C VAL J 162 11.12 9.06 31.19
N LEU J 163 10.20 9.53 32.00
CA LEU J 163 9.96 8.95 33.31
C LEU J 163 8.70 8.09 33.22
N ASN J 164 8.87 6.79 33.21
CA ASN J 164 7.70 5.94 33.10
C ASN J 164 7.10 5.61 34.44
N ILE J 165 5.81 5.88 34.58
CA ILE J 165 5.09 5.53 35.80
C ILE J 165 4.45 4.17 35.69
N SER J 166 4.80 3.28 36.60
CA SER J 166 4.38 1.89 36.55
C SER J 166 2.88 1.76 36.75
N LEU J 167 2.22 1.08 35.81
CA LEU J 167 0.77 0.98 35.83
C LEU J 167 0.29 0.15 37.01
N ARG J 168 1.18 -0.59 37.65
CA ARG J 168 0.83 -1.28 38.89
C ARG J 168 0.37 -0.25 39.94
N ASP J 169 0.75 1.00 39.76
CA ASP J 169 0.40 2.07 40.68
C ASP J 169 -0.42 3.16 39.99
N ARG J 170 -1.04 2.81 38.86
CA ARG J 170 -1.87 3.73 38.12
C ARG J 170 -2.97 4.30 39.00
N ILE J 171 -3.66 3.45 39.74
CA ILE J 171 -4.70 3.95 40.63
C ILE J 171 -4.13 5.01 41.58
N LYS J 172 -3.08 4.65 42.31
CA LYS J 172 -2.53 5.58 43.29
C LYS J 172 -2.07 6.85 42.61
N PHE J 173 -1.47 6.71 41.43
CA PHE J 173 -0.97 7.89 40.76
C PHE J 173 -2.09 8.85 40.36
N VAL J 174 -3.05 8.36 39.58
CA VAL J 174 -4.11 9.21 39.06
C VAL J 174 -4.92 9.86 40.16
N HIS J 175 -5.24 9.11 41.20
CA HIS J 175 -6.14 9.62 42.23
C HIS J 175 -5.42 10.33 43.35
N THR J 176 -4.10 10.46 43.23
CA THR J 176 -3.29 11.14 44.23
C THR J 176 -2.66 12.38 43.64
N ILE J 177 -2.61 12.43 42.32
CA ILE J 177 -1.97 13.53 41.63
C ILE J 177 -2.86 14.21 40.60
N LEU J 178 -3.44 13.43 39.70
CA LEU J 178 -4.30 14.00 38.67
C LEU J 178 -5.67 14.40 39.21
N SER J 179 -6.33 13.49 39.92
CA SER J 179 -7.63 13.79 40.47
C SER J 179 -7.51 14.64 41.73
N SER J 180 -6.34 14.58 42.36
CA SER J 180 -6.05 15.38 43.55
C SER J 180 -6.76 16.73 43.53
N HIS J 181 -7.76 16.88 44.41
CA HIS J 181 -8.55 18.10 44.45
C HIS J 181 -7.95 19.19 45.35
N LEU J 182 -6.67 19.05 45.67
CA LEU J 182 -5.96 20.15 46.30
C LEU J 182 -6.01 21.32 45.30
N ASN J 183 -6.25 22.52 45.81
CA ASN J 183 -6.65 23.67 44.97
C ASN J 183 -6.29 23.62 43.47
N PRO J 184 -5.00 23.40 43.13
CA PRO J 184 -4.65 23.38 41.71
C PRO J 184 -5.26 22.18 40.98
N LEU J 185 -6.39 22.37 40.30
CA LEU J 185 -7.04 21.29 39.57
C LEU J 185 -6.52 21.16 38.13
N PRO J 186 -6.39 19.91 37.65
CA PRO J 186 -5.97 19.63 36.27
C PRO J 186 -7.18 19.45 35.35
N PRO J 187 -7.10 19.97 34.11
CA PRO J 187 -8.20 19.80 33.14
C PRO J 187 -8.28 18.37 32.61
#